data_4PP5
#
_entry.id   4PP5
#
_cell.length_a   66.370
_cell.length_b   66.370
_cell.length_c   111.431
_cell.angle_alpha   90.00
_cell.angle_beta   90.00
_cell.angle_gamma   90.00
#
_symmetry.space_group_name_H-M   'P 43 21 2'
#
loop_
_entity.id
_entity.type
_entity.pdbx_description
1 polymer 'Retinoic acid receptor RXR-alpha'
2 polymer 'Nuclear receptor coactivator 2'
3 non-polymer '(2E,4E,6Z,8E)-3,7-dimethyl-8-(5-methyl-3,4-dihydronaphthalen-1(2H)-ylidene)octa-2,4,6-trienoic acid'
4 water water
#
loop_
_entity_poly.entity_id
_entity_poly.type
_entity_poly.pdbx_seq_one_letter_code
_entity_poly.pdbx_strand_id
1 'polypeptide(L)'
;EDMPVERILEAELAVEPKTETYVEANMGLNPSSPNDPVTNICQAADKQLFTLVEWAKRIPHFSELPLDDQVILLRAGWNE
LLIASFSHRSIAVKDGILLATGLHVHRNSAHSAGVGAIFDRVLTELVSKMRDMQMDKTELGCLRAIVLFNPDSKGLSNPA
EVEALREKVYASLEAYCKHKYPEQPGRFAKLLLRLPALRSIGLKCLEHLFFFKLIGDTPIDTFLMEMLEAP
;
A
2 'polypeptide(L)' KHKILHRLLQDSS B
#
# COMPACT_ATOMS: atom_id res chain seq x y z
N GLU A 1 6.34 -15.58 -16.20
CA GLU A 1 6.18 -15.81 -17.66
C GLU A 1 5.01 -15.02 -18.25
N ASP A 2 4.76 -13.84 -17.68
CA ASP A 2 3.69 -12.95 -18.14
C ASP A 2 3.40 -11.89 -17.07
N MET A 3 4.44 -11.20 -16.61
CA MET A 3 4.30 -10.17 -15.60
C MET A 3 5.20 -8.98 -15.94
N PRO A 4 4.84 -8.23 -17.00
CA PRO A 4 5.61 -7.07 -17.45
C PRO A 4 5.58 -5.85 -16.52
N VAL A 5 6.76 -5.32 -16.19
CA VAL A 5 6.86 -4.18 -15.30
C VAL A 5 6.19 -2.96 -15.93
N GLU A 6 6.03 -2.99 -17.25
CA GLU A 6 5.38 -1.88 -17.94
C GLU A 6 3.91 -1.78 -17.56
N ARG A 7 3.25 -2.92 -17.40
CA ARG A 7 1.85 -2.95 -17.01
C ARG A 7 1.71 -2.50 -15.56
N ILE A 8 2.71 -2.81 -14.74
CA ILE A 8 2.68 -2.43 -13.34
C ILE A 8 2.88 -0.93 -13.20
N LEU A 9 3.81 -0.37 -13.98
CA LEU A 9 4.06 1.07 -13.95
C LEU A 9 2.79 1.77 -14.43
N GLU A 10 2.16 1.21 -15.45
CA GLU A 10 0.93 1.79 -16.00
C GLU A 10 -0.15 1.83 -14.93
N ALA A 11 -0.23 0.79 -14.13
CA ALA A 11 -1.22 0.74 -13.06
C ALA A 11 -0.99 1.87 -12.07
N GLU A 12 0.27 2.15 -11.77
CA GLU A 12 0.63 3.22 -10.84
C GLU A 12 0.30 4.60 -11.40
N LEU A 13 0.65 4.82 -12.66
CA LEU A 13 0.41 6.10 -13.31
C LEU A 13 -1.08 6.35 -13.58
N ALA A 14 -1.84 5.27 -13.67
CA ALA A 14 -3.28 5.39 -13.94
C ALA A 14 -4.09 5.83 -12.72
N VAL A 15 -3.66 5.44 -11.53
CA VAL A 15 -4.40 5.79 -10.32
C VAL A 15 -3.87 7.00 -9.55
N GLU A 16 -2.80 7.62 -10.05
CA GLU A 16 -2.25 8.79 -9.36
C GLU A 16 -1.48 9.71 -10.29
N PRO A 17 -1.86 11.00 -10.31
CA PRO A 17 -1.24 12.04 -11.15
C PRO A 17 0.19 12.39 -10.71
N ASN A 35 -9.16 19.81 10.71
CA ASN A 35 -7.96 20.35 11.34
C ASN A 35 -7.18 19.25 12.06
N ASP A 36 -7.89 18.24 12.54
CA ASP A 36 -7.25 17.12 13.22
C ASP A 36 -6.60 16.30 12.12
N PRO A 37 -5.25 16.23 12.13
CA PRO A 37 -4.57 15.46 11.09
C PRO A 37 -5.07 14.02 10.97
N VAL A 38 -5.48 13.45 12.09
CA VAL A 38 -5.98 12.08 12.10
C VAL A 38 -7.25 11.99 11.26
N THR A 39 -8.16 12.93 11.46
CA THR A 39 -9.40 12.93 10.68
C THR A 39 -9.07 13.05 9.20
N ASN A 40 -8.14 13.92 8.85
CA ASN A 40 -7.75 14.09 7.45
C ASN A 40 -7.12 12.83 6.88
N ILE A 41 -6.31 12.16 7.70
CA ILE A 41 -5.66 10.93 7.27
C ILE A 41 -6.70 9.84 7.01
N CYS A 42 -7.69 9.73 7.89
CA CYS A 42 -8.73 8.73 7.72
C CYS A 42 -9.60 9.00 6.50
N GLN A 43 -9.83 10.28 6.20
CA GLN A 43 -10.65 10.63 5.04
C GLN A 43 -9.88 10.30 3.76
N ALA A 44 -8.58 10.53 3.77
CA ALA A 44 -7.73 10.26 2.62
C ALA A 44 -7.69 8.75 2.38
N ALA A 45 -7.61 7.99 3.45
CA ALA A 45 -7.55 6.53 3.36
C ALA A 45 -8.82 5.95 2.73
N ASP A 46 -9.98 6.44 3.14
CA ASP A 46 -11.25 5.96 2.60
C ASP A 46 -11.26 6.26 1.10
N LYS A 47 -10.91 7.50 0.76
CA LYS A 47 -10.85 7.94 -0.62
C LYS A 47 -9.97 6.98 -1.44
N GLN A 48 -8.77 6.72 -0.93
CA GLN A 48 -7.83 5.87 -1.64
C GLN A 48 -8.21 4.39 -1.72
N LEU A 49 -9.13 3.94 -0.86
CA LEU A 49 -9.54 2.55 -0.90
C LEU A 49 -10.26 2.27 -2.23
N PHE A 50 -11.03 3.24 -2.70
CA PHE A 50 -11.74 3.07 -3.97
C PHE A 50 -10.72 3.00 -5.10
N THR A 51 -9.75 3.90 -5.04
CA THR A 51 -8.69 3.95 -6.05
C THR A 51 -7.85 2.68 -6.01
N LEU A 52 -7.67 2.12 -4.82
CA LEU A 52 -6.89 0.89 -4.67
C LEU A 52 -7.50 -0.26 -5.46
N VAL A 53 -8.83 -0.37 -5.44
CA VAL A 53 -9.49 -1.44 -6.17
C VAL A 53 -9.22 -1.32 -7.68
N GLU A 54 -9.21 -0.09 -8.17
CA GLU A 54 -8.94 0.14 -9.60
C GLU A 54 -7.50 -0.22 -9.94
N TRP A 55 -6.59 0.08 -9.02
CA TRP A 55 -5.18 -0.23 -9.19
C TRP A 55 -5.01 -1.74 -9.30
N ALA A 56 -5.59 -2.47 -8.35
CA ALA A 56 -5.49 -3.92 -8.32
C ALA A 56 -5.96 -4.57 -9.62
N LYS A 57 -7.08 -4.07 -10.14
CA LYS A 57 -7.63 -4.59 -11.39
C LYS A 57 -6.69 -4.42 -12.58
N ARG A 58 -5.82 -3.41 -12.51
CA ARG A 58 -4.86 -3.15 -13.58
C ARG A 58 -3.58 -3.97 -13.45
N ILE A 59 -3.42 -4.66 -12.33
CA ILE A 59 -2.25 -5.50 -12.13
C ILE A 59 -2.54 -6.80 -12.86
N PRO A 60 -1.63 -7.22 -13.76
CA PRO A 60 -1.82 -8.46 -14.52
C PRO A 60 -2.23 -9.69 -13.72
N HIS A 61 -3.27 -10.36 -14.20
CA HIS A 61 -3.78 -11.59 -13.60
C HIS A 61 -4.59 -11.47 -12.31
N PHE A 62 -4.53 -10.33 -11.64
CA PHE A 62 -5.29 -10.17 -10.40
C PHE A 62 -6.78 -10.42 -10.64
N SER A 63 -7.33 -9.76 -11.67
CA SER A 63 -8.75 -9.88 -11.99
C SER A 63 -9.18 -11.29 -12.42
N GLU A 64 -8.20 -12.13 -12.74
CA GLU A 64 -8.48 -13.49 -13.19
C GLU A 64 -8.55 -14.47 -12.01
N LEU A 65 -8.28 -13.98 -10.81
CA LEU A 65 -8.36 -14.81 -9.61
C LEU A 65 -9.82 -14.83 -9.19
N PRO A 66 -10.27 -15.86 -8.47
CA PRO A 66 -11.68 -15.86 -8.06
C PRO A 66 -11.99 -14.64 -7.17
N LEU A 67 -13.20 -14.11 -7.32
CA LEU A 67 -13.63 -12.93 -6.56
C LEU A 67 -13.31 -13.04 -5.07
N ASP A 68 -13.57 -14.20 -4.47
CA ASP A 68 -13.31 -14.41 -3.06
C ASP A 68 -11.84 -14.20 -2.69
N ASP A 69 -10.93 -14.59 -3.58
CA ASP A 69 -9.51 -14.42 -3.31
C ASP A 69 -9.08 -12.96 -3.56
N GLN A 70 -9.75 -12.30 -4.50
CA GLN A 70 -9.44 -10.90 -4.78
C GLN A 70 -9.80 -10.11 -3.53
N VAL A 71 -10.91 -10.47 -2.91
CA VAL A 71 -11.37 -9.81 -1.70
C VAL A 71 -10.38 -10.07 -0.57
N ILE A 72 -9.95 -11.32 -0.43
CA ILE A 72 -9.01 -11.70 0.61
C ILE A 72 -7.67 -10.94 0.49
N LEU A 73 -7.11 -10.91 -0.70
CA LEU A 73 -5.84 -10.22 -0.92
C LEU A 73 -5.93 -8.72 -0.60
N LEU A 74 -7.02 -8.08 -1.00
CA LEU A 74 -7.17 -6.66 -0.73
C LEU A 74 -7.43 -6.37 0.75
N ARG A 75 -8.28 -7.17 1.38
CA ARG A 75 -8.57 -6.97 2.79
C ARG A 75 -7.31 -7.22 3.63
N ALA A 76 -6.46 -8.12 3.15
CA ALA A 76 -5.23 -8.44 3.84
C ALA A 76 -4.11 -7.42 3.62
N GLY A 77 -4.07 -6.79 2.45
CA GLY A 77 -2.98 -5.87 2.20
C GLY A 77 -3.27 -4.40 2.04
N TRP A 78 -4.54 -4.00 2.07
CA TRP A 78 -4.88 -2.59 1.87
C TRP A 78 -4.08 -1.58 2.68
N ASN A 79 -3.89 -1.83 3.98
CA ASN A 79 -3.15 -0.86 4.78
C ASN A 79 -1.69 -0.71 4.35
N GLU A 80 -1.00 -1.80 4.08
CA GLU A 80 0.39 -1.69 3.63
C GLU A 80 0.44 -1.08 2.23
N LEU A 81 -0.53 -1.44 1.39
CA LEU A 81 -0.58 -0.91 0.03
C LEU A 81 -0.74 0.62 0.02
N LEU A 82 -1.62 1.13 0.88
CA LEU A 82 -1.83 2.57 0.93
C LEU A 82 -0.67 3.31 1.56
N ILE A 83 -0.07 2.70 2.59
CA ILE A 83 1.07 3.33 3.26
C ILE A 83 2.25 3.46 2.30
N ALA A 84 2.53 2.41 1.54
CA ALA A 84 3.62 2.45 0.57
C ALA A 84 3.39 3.60 -0.41
N SER A 85 2.16 3.73 -0.89
CA SER A 85 1.80 4.77 -1.84
C SER A 85 1.98 6.21 -1.36
N PHE A 86 1.42 6.56 -0.20
CA PHE A 86 1.58 7.95 0.25
C PHE A 86 3.01 8.22 0.72
N SER A 87 3.70 7.17 1.15
CA SER A 87 5.08 7.33 1.58
C SER A 87 5.96 7.72 0.39
N HIS A 88 5.76 7.06 -0.74
CA HIS A 88 6.56 7.35 -1.93
C HIS A 88 6.17 8.73 -2.47
N ARG A 89 4.89 9.05 -2.38
CA ARG A 89 4.40 10.34 -2.84
C ARG A 89 5.06 11.46 -2.02
N SER A 90 5.37 11.16 -0.76
CA SER A 90 5.96 12.15 0.16
C SER A 90 7.47 12.37 0.10
N ILE A 91 8.15 11.67 -0.80
CA ILE A 91 9.60 11.83 -0.92
C ILE A 91 10.02 13.29 -1.13
N ALA A 92 9.15 14.09 -1.73
CA ALA A 92 9.46 15.49 -1.98
C ALA A 92 9.04 16.43 -0.84
N VAL A 93 8.51 15.86 0.23
CA VAL A 93 8.06 16.65 1.38
C VAL A 93 9.15 16.78 2.43
N LYS A 94 9.23 17.97 3.03
CA LYS A 94 10.22 18.27 4.06
C LYS A 94 10.11 17.28 5.23
N ASP A 95 9.24 17.60 6.19
CA ASP A 95 9.04 16.72 7.34
C ASP A 95 7.55 16.45 7.47
N GLY A 96 7.05 15.58 6.60
CA GLY A 96 5.63 15.26 6.63
C GLY A 96 5.21 14.43 5.44
N ILE A 97 3.90 14.26 5.27
CA ILE A 97 3.39 13.47 4.16
C ILE A 97 2.34 14.23 3.38
N LEU A 98 2.17 13.85 2.12
CA LEU A 98 1.19 14.46 1.24
C LEU A 98 0.04 13.46 1.09
N LEU A 99 -1.16 13.85 1.51
CA LEU A 99 -2.31 12.98 1.40
C LEU A 99 -2.89 13.05 0.00
N ALA A 100 -3.59 12.01 -0.42
CA ALA A 100 -4.18 11.98 -1.76
C ALA A 100 -5.21 13.10 -1.94
N THR A 101 -5.65 13.67 -0.84
CA THR A 101 -6.64 14.76 -0.88
C THR A 101 -5.99 16.11 -1.19
N GLY A 102 -4.67 16.11 -1.34
CA GLY A 102 -3.96 17.36 -1.63
C GLY A 102 -3.55 18.09 -0.36
N LEU A 103 -3.78 17.47 0.78
CA LEU A 103 -3.44 18.03 2.08
C LEU A 103 -2.10 17.51 2.57
N HIS A 104 -1.34 18.34 3.25
CA HIS A 104 -0.04 17.95 3.79
C HIS A 104 -0.15 17.81 5.31
N VAL A 105 0.46 16.75 5.86
CA VAL A 105 0.45 16.57 7.29
C VAL A 105 1.90 16.71 7.74
N HIS A 106 2.17 17.77 8.50
CA HIS A 106 3.53 18.02 8.99
C HIS A 106 3.77 17.19 10.24
N ARG A 107 5.02 16.82 10.45
CA ARG A 107 5.43 16.04 11.60
C ARG A 107 4.98 16.67 12.92
N ASN A 108 5.11 17.98 13.02
CA ASN A 108 4.70 18.68 14.24
C ASN A 108 3.20 18.54 14.48
N SER A 109 2.43 18.53 13.38
CA SER A 109 0.99 18.39 13.47
C SER A 109 0.65 17.00 13.98
N ALA A 110 1.33 15.99 13.44
CA ALA A 110 1.09 14.62 13.87
C ALA A 110 1.42 14.50 15.36
N HIS A 111 2.54 15.07 15.76
CA HIS A 111 2.96 15.02 17.15
C HIS A 111 1.92 15.69 18.07
N SER A 112 1.47 16.87 17.68
CA SER A 112 0.50 17.62 18.47
C SER A 112 -0.86 16.94 18.56
N ALA A 113 -1.05 15.89 17.76
CA ALA A 113 -2.31 15.16 17.74
C ALA A 113 -2.19 13.82 18.49
N GLY A 114 -1.02 13.57 19.06
CA GLY A 114 -0.82 12.35 19.80
C GLY A 114 -0.36 11.14 19.00
N VAL A 115 -0.06 11.32 17.71
CA VAL A 115 0.38 10.20 16.88
C VAL A 115 1.77 10.41 16.29
N GLY A 116 2.63 11.09 17.05
CA GLY A 116 3.98 11.37 16.57
C GLY A 116 4.89 10.16 16.42
N ALA A 117 4.77 9.20 17.32
CA ALA A 117 5.60 8.00 17.27
C ALA A 117 5.44 7.23 15.95
N ILE A 118 4.22 6.84 15.61
CA ILE A 118 4.01 6.10 14.37
C ILE A 118 4.36 6.98 13.16
N PHE A 119 4.02 8.27 13.24
CA PHE A 119 4.31 9.19 12.14
C PHE A 119 5.81 9.22 11.85
N ASP A 120 6.61 9.30 12.92
CA ASP A 120 8.06 9.32 12.78
C ASP A 120 8.60 8.02 12.18
N ARG A 121 7.96 6.89 12.46
CA ARG A 121 8.40 5.62 11.88
C ARG A 121 8.19 5.66 10.37
N VAL A 122 7.05 6.18 9.93
CA VAL A 122 6.78 6.29 8.50
C VAL A 122 7.84 7.15 7.82
N LEU A 123 8.16 8.29 8.43
CA LEU A 123 9.16 9.19 7.85
C LEU A 123 10.57 8.61 7.82
N THR A 124 10.95 7.96 8.90
CA THR A 124 12.29 7.40 9.02
C THR A 124 12.51 6.05 8.32
N GLU A 125 11.60 5.12 8.52
CA GLU A 125 11.74 3.79 7.93
C GLU A 125 11.26 3.66 6.49
N LEU A 126 10.35 4.53 6.07
CA LEU A 126 9.84 4.44 4.71
C LEU A 126 10.18 5.62 3.80
N VAL A 127 9.59 6.78 4.07
CA VAL A 127 9.83 7.96 3.24
C VAL A 127 11.30 8.29 3.02
N SER A 128 12.04 8.49 4.11
CA SER A 128 13.46 8.83 4.01
C SER A 128 14.27 7.76 3.27
N LYS A 129 13.97 6.50 3.51
CA LYS A 129 14.69 5.42 2.84
C LYS A 129 14.36 5.38 1.35
N MET A 130 13.11 5.65 0.99
CA MET A 130 12.73 5.67 -0.42
C MET A 130 13.41 6.84 -1.13
N ARG A 131 13.45 7.98 -0.44
CA ARG A 131 14.09 9.17 -1.01
C ARG A 131 15.60 8.96 -1.16
N ASP A 132 16.21 8.35 -0.14
CA ASP A 132 17.66 8.10 -0.16
C ASP A 132 18.11 7.22 -1.33
N MET A 133 17.34 6.19 -1.66
CA MET A 133 17.73 5.30 -2.75
C MET A 133 17.05 5.68 -4.06
N GLN A 134 16.28 6.76 -4.05
CA GLN A 134 15.57 7.23 -5.23
C GLN A 134 14.70 6.13 -5.83
N MET A 135 13.94 5.43 -4.99
CA MET A 135 13.06 4.37 -5.46
C MET A 135 12.19 4.96 -6.56
N ASP A 136 12.08 4.29 -7.70
CA ASP A 136 11.25 4.83 -8.77
C ASP A 136 9.85 4.24 -8.75
N LYS A 137 8.96 4.77 -9.60
CA LYS A 137 7.57 4.32 -9.65
C LYS A 137 7.40 2.88 -10.06
N THR A 138 8.26 2.38 -10.94
CA THR A 138 8.18 1.00 -11.37
C THR A 138 8.47 0.10 -10.17
N GLU A 139 9.53 0.45 -9.44
CA GLU A 139 9.94 -0.31 -8.27
C GLU A 139 8.84 -0.30 -7.19
N LEU A 140 8.22 0.85 -7.00
CA LEU A 140 7.15 0.99 -6.03
C LEU A 140 5.99 0.10 -6.43
N GLY A 141 5.61 0.19 -7.70
CA GLY A 141 4.52 -0.60 -8.23
C GLY A 141 4.75 -2.09 -8.03
N CYS A 142 5.98 -2.54 -8.26
CA CYS A 142 6.31 -3.95 -8.10
C CYS A 142 6.26 -4.37 -6.64
N LEU A 143 6.78 -3.52 -5.75
CA LEU A 143 6.74 -3.86 -4.32
C LEU A 143 5.29 -3.94 -3.88
N ARG A 144 4.46 -3.03 -4.36
CA ARG A 144 3.04 -3.08 -3.99
C ARG A 144 2.37 -4.34 -4.55
N ALA A 145 2.79 -4.73 -5.76
CA ALA A 145 2.23 -5.93 -6.40
C ALA A 145 2.64 -7.17 -5.60
N ILE A 146 3.86 -7.16 -5.07
CA ILE A 146 4.34 -8.28 -4.26
C ILE A 146 3.48 -8.35 -2.98
N VAL A 147 3.21 -7.20 -2.40
CA VAL A 147 2.39 -7.13 -1.20
C VAL A 147 0.98 -7.63 -1.49
N LEU A 148 0.43 -7.19 -2.62
CA LEU A 148 -0.91 -7.58 -3.05
C LEU A 148 -1.02 -9.10 -3.15
N PHE A 149 -0.07 -9.71 -3.85
CA PHE A 149 -0.06 -11.17 -4.02
C PHE A 149 0.56 -11.85 -2.81
N ASN A 150 -0.08 -11.71 -1.66
CA ASN A 150 0.40 -12.30 -0.41
C ASN A 150 -0.16 -13.71 -0.24
N PRO A 151 0.68 -14.73 -0.46
CA PRO A 151 0.26 -16.13 -0.34
C PRO A 151 -0.04 -16.58 1.08
N ASP A 152 0.37 -15.78 2.07
CA ASP A 152 0.12 -16.13 3.47
C ASP A 152 -1.29 -15.71 3.92
N SER A 153 -1.99 -14.98 3.06
CA SER A 153 -3.35 -14.53 3.37
C SER A 153 -4.22 -15.73 3.72
N LYS A 154 -4.89 -15.67 4.86
CA LYS A 154 -5.75 -16.76 5.31
C LYS A 154 -7.05 -16.85 4.50
N GLY A 155 -7.48 -18.07 4.19
CA GLY A 155 -8.71 -18.25 3.45
C GLY A 155 -8.57 -18.42 1.94
N LEU A 156 -7.37 -18.16 1.41
CA LEU A 156 -7.12 -18.30 -0.02
C LEU A 156 -7.50 -19.69 -0.51
N SER A 157 -8.28 -19.76 -1.59
CA SER A 157 -8.70 -21.04 -2.13
C SER A 157 -7.52 -21.75 -2.80
N ASN A 158 -6.62 -20.96 -3.40
CA ASN A 158 -5.46 -21.52 -4.07
C ASN A 158 -4.22 -20.67 -3.77
N PRO A 159 -3.61 -20.86 -2.59
CA PRO A 159 -2.42 -20.08 -2.22
C PRO A 159 -1.25 -20.25 -3.18
N ALA A 160 -1.13 -21.43 -3.78
CA ALA A 160 -0.05 -21.71 -4.72
C ALA A 160 -0.12 -20.78 -5.93
N GLU A 161 -1.33 -20.48 -6.36
CA GLU A 161 -1.55 -19.60 -7.50
C GLU A 161 -1.07 -18.18 -7.17
N VAL A 162 -1.35 -17.74 -5.95
CA VAL A 162 -0.95 -16.41 -5.51
C VAL A 162 0.57 -16.37 -5.38
N GLU A 163 1.14 -17.44 -4.84
CA GLU A 163 2.58 -17.49 -4.69
C GLU A 163 3.24 -17.41 -6.06
N ALA A 164 2.65 -18.09 -7.04
CA ALA A 164 3.20 -18.08 -8.38
C ALA A 164 3.24 -16.67 -8.96
N LEU A 165 2.18 -15.90 -8.74
CA LEU A 165 2.13 -14.54 -9.26
C LEU A 165 3.18 -13.66 -8.57
N ARG A 166 3.33 -13.81 -7.26
CA ARG A 166 4.31 -13.04 -6.51
C ARG A 166 5.71 -13.31 -7.07
N GLU A 167 6.00 -14.57 -7.36
CA GLU A 167 7.31 -14.96 -7.90
C GLU A 167 7.54 -14.26 -9.24
N LYS A 168 6.50 -14.19 -10.06
CA LYS A 168 6.62 -13.55 -11.37
C LYS A 168 6.89 -12.06 -11.21
N VAL A 169 6.29 -11.45 -10.20
CA VAL A 169 6.51 -10.03 -9.97
C VAL A 169 7.96 -9.79 -9.53
N TYR A 170 8.42 -10.50 -8.52
CA TYR A 170 9.79 -10.23 -8.09
C TYR A 170 10.84 -10.67 -9.10
N ALA A 171 10.46 -11.57 -10.00
CA ALA A 171 11.40 -12.01 -11.04
C ALA A 171 11.55 -10.84 -12.02
N SER A 172 10.45 -10.18 -12.36
CA SER A 172 10.48 -9.05 -13.28
C SER A 172 11.15 -7.83 -12.64
N LEU A 173 10.90 -7.62 -11.35
CA LEU A 173 11.50 -6.49 -10.64
C LEU A 173 13.02 -6.62 -10.63
N GLU A 174 13.52 -7.81 -10.33
CA GLU A 174 14.96 -8.03 -10.30
C GLU A 174 15.56 -7.73 -11.67
N ALA A 175 14.90 -8.20 -12.73
CA ALA A 175 15.34 -7.97 -14.10
C ALA A 175 15.39 -6.46 -14.36
N TYR A 176 14.34 -5.75 -13.96
CA TYR A 176 14.27 -4.30 -14.11
C TYR A 176 15.49 -3.69 -13.44
N CYS A 177 15.70 -4.04 -12.18
CA CYS A 177 16.87 -3.55 -11.46
C CYS A 177 18.01 -4.30 -12.17
N LYS A 178 19.25 -3.92 -11.92
CA LYS A 178 20.37 -4.61 -12.58
C LYS A 178 20.45 -4.22 -14.06
N HIS A 179 19.30 -3.95 -14.68
CA HIS A 179 19.32 -3.52 -16.08
C HIS A 179 19.20 -2.00 -16.11
N LYS A 180 18.40 -1.46 -15.19
CA LYS A 180 18.23 -0.01 -15.08
C LYS A 180 19.31 0.54 -14.16
N TYR A 181 19.66 -0.23 -13.14
CA TYR A 181 20.69 0.17 -12.19
C TYR A 181 21.76 -0.91 -12.07
N PRO A 182 22.47 -1.19 -13.18
CA PRO A 182 23.51 -2.21 -13.20
C PRO A 182 24.60 -1.98 -12.15
N GLU A 183 24.86 -0.72 -11.84
CA GLU A 183 25.91 -0.39 -10.89
C GLU A 183 25.53 -0.56 -9.42
N GLN A 184 24.29 -0.99 -9.17
CA GLN A 184 23.81 -1.20 -7.80
C GLN A 184 23.32 -2.65 -7.67
N PRO A 185 24.24 -3.61 -7.59
CA PRO A 185 23.85 -5.02 -7.48
C PRO A 185 22.97 -5.36 -6.28
N GLY A 186 23.07 -4.56 -5.21
CA GLY A 186 22.27 -4.82 -4.03
C GLY A 186 20.93 -4.11 -3.98
N ARG A 187 20.57 -3.42 -5.06
CA ARG A 187 19.30 -2.68 -5.10
C ARG A 187 18.06 -3.56 -4.94
N PHE A 188 18.00 -4.66 -5.68
CA PHE A 188 16.86 -5.56 -5.60
C PHE A 188 16.63 -6.00 -4.15
N ALA A 189 17.69 -6.43 -3.47
CA ALA A 189 17.55 -6.85 -2.07
C ALA A 189 17.12 -5.67 -1.19
N LYS A 190 17.69 -4.50 -1.44
CA LYS A 190 17.37 -3.31 -0.66
C LYS A 190 15.89 -2.99 -0.75
N LEU A 191 15.30 -3.15 -1.93
CA LEU A 191 13.87 -2.89 -2.10
C LEU A 191 13.04 -3.89 -1.28
N LEU A 192 13.35 -5.17 -1.41
CA LEU A 192 12.62 -6.19 -0.68
C LEU A 192 12.75 -6.05 0.83
N LEU A 193 13.88 -5.52 1.28
CA LEU A 193 14.11 -5.37 2.71
C LEU A 193 13.40 -4.19 3.38
N ARG A 194 12.55 -3.49 2.64
CA ARG A 194 11.77 -2.41 3.26
C ARG A 194 10.39 -3.02 3.58
N LEU A 195 10.16 -4.24 3.10
CA LEU A 195 8.87 -4.90 3.34
C LEU A 195 8.63 -5.25 4.81
N PRO A 196 9.66 -5.69 5.54
CA PRO A 196 9.43 -6.03 6.95
C PRO A 196 9.03 -4.75 7.71
N ALA A 197 9.61 -3.63 7.33
CA ALA A 197 9.29 -2.34 7.95
C ALA A 197 7.85 -1.96 7.60
N LEU A 198 7.48 -2.17 6.35
CA LEU A 198 6.13 -1.87 5.86
C LEU A 198 5.09 -2.70 6.61
N ARG A 199 5.44 -3.95 6.88
CA ARG A 199 4.56 -4.88 7.59
C ARG A 199 4.35 -4.43 9.04
N SER A 200 5.43 -4.04 9.69
CA SER A 200 5.36 -3.59 11.08
C SER A 200 4.58 -2.29 11.23
N ILE A 201 4.88 -1.33 10.36
CA ILE A 201 4.21 -0.04 10.40
C ILE A 201 2.72 -0.18 10.08
N GLY A 202 2.41 -1.04 9.11
CA GLY A 202 1.03 -1.26 8.74
C GLY A 202 0.23 -1.82 9.90
N LEU A 203 0.85 -2.72 10.66
CA LEU A 203 0.18 -3.32 11.81
C LEU A 203 -0.11 -2.28 12.89
N LYS A 204 0.84 -1.39 13.11
CA LYS A 204 0.70 -0.34 14.10
C LYS A 204 -0.40 0.64 13.68
N CYS A 205 -0.42 0.99 12.41
CA CYS A 205 -1.43 1.91 11.91
C CYS A 205 -2.82 1.30 12.08
N LEU A 206 -2.92 -0.01 11.88
CA LEU A 206 -4.20 -0.69 12.05
C LEU A 206 -4.64 -0.55 13.50
N GLU A 207 -3.73 -0.79 14.43
CA GLU A 207 -4.02 -0.68 15.84
C GLU A 207 -4.59 0.70 16.16
N HIS A 208 -3.97 1.74 15.61
CA HIS A 208 -4.44 3.12 15.83
C HIS A 208 -5.88 3.28 15.31
N LEU A 209 -6.15 2.73 14.13
CA LEU A 209 -7.48 2.82 13.52
C LEU A 209 -8.54 2.14 14.38
N PHE A 210 -8.22 0.97 14.93
CA PHE A 210 -9.19 0.29 15.77
C PHE A 210 -9.45 1.10 17.04
N PHE A 211 -8.43 1.78 17.54
CA PHE A 211 -8.59 2.60 18.73
C PHE A 211 -9.45 3.83 18.41
N PHE A 212 -9.19 4.46 17.27
CA PHE A 212 -9.97 5.63 16.87
C PHE A 212 -11.44 5.22 16.77
N LYS A 213 -11.66 4.04 16.19
CA LYS A 213 -13.02 3.52 16.04
C LYS A 213 -13.65 3.25 17.40
N LEU A 214 -12.86 2.67 18.31
CA LEU A 214 -13.37 2.37 19.66
C LEU A 214 -13.75 3.64 20.40
N ILE A 215 -12.83 4.60 20.46
CA ILE A 215 -13.04 5.87 21.17
C ILE A 215 -14.28 6.61 20.68
N GLY A 216 -14.60 6.46 19.40
CA GLY A 216 -15.78 7.14 18.88
C GLY A 216 -15.43 8.43 18.17
N ASP A 217 -14.48 9.18 18.70
CA ASP A 217 -14.07 10.41 18.06
C ASP A 217 -13.44 10.01 16.73
N THR A 218 -13.33 10.95 15.81
CA THR A 218 -12.75 10.70 14.51
C THR A 218 -13.73 10.02 13.56
N PRO A 219 -14.23 10.77 12.57
CA PRO A 219 -15.18 10.22 11.61
C PRO A 219 -14.50 9.17 10.73
N ILE A 220 -15.12 8.01 10.59
CA ILE A 220 -14.56 6.94 9.76
C ILE A 220 -15.58 6.60 8.69
N ASP A 221 -15.22 6.87 7.44
CA ASP A 221 -16.10 6.63 6.29
C ASP A 221 -16.42 5.16 6.04
N THR A 222 -17.42 4.91 5.21
CA THR A 222 -17.90 3.57 4.91
C THR A 222 -16.94 2.49 4.41
N PHE A 223 -16.06 2.82 3.47
CA PHE A 223 -15.14 1.81 2.95
C PHE A 223 -14.06 1.52 3.98
N LEU A 224 -13.58 2.56 4.66
CA LEU A 224 -12.57 2.35 5.68
C LEU A 224 -13.21 1.52 6.79
N MET A 225 -14.44 1.86 7.17
CA MET A 225 -15.15 1.12 8.22
C MET A 225 -15.33 -0.35 7.83
N GLU A 226 -15.65 -0.59 6.56
CA GLU A 226 -15.83 -1.96 6.10
C GLU A 226 -14.56 -2.78 6.26
N MET A 227 -13.42 -2.15 5.98
CA MET A 227 -12.14 -2.85 6.10
C MET A 227 -11.82 -3.20 7.55
N LEU A 228 -12.38 -2.44 8.49
CA LEU A 228 -12.16 -2.70 9.90
C LEU A 228 -13.14 -3.76 10.40
N GLU A 229 -14.04 -4.19 9.52
CA GLU A 229 -15.03 -5.23 9.86
C GLU A 229 -14.35 -6.56 10.09
N ALA A 230 -14.95 -7.40 10.92
CA ALA A 230 -14.40 -8.71 11.20
C ALA A 230 -14.59 -9.60 9.98
N PRO A 231 -13.67 -10.56 9.76
CA PRO A 231 -12.50 -10.85 10.58
C PRO A 231 -11.49 -9.69 10.59
N LYS B 1 -21.02 -10.43 3.31
CA LYS B 1 -20.36 -9.27 3.96
C LYS B 1 -19.43 -8.58 2.97
N HIS B 2 -18.80 -7.49 3.42
CA HIS B 2 -17.89 -6.72 2.59
C HIS B 2 -18.63 -6.26 1.33
N LYS B 3 -19.80 -5.65 1.52
CA LYS B 3 -20.62 -5.18 0.40
C LYS B 3 -19.89 -4.31 -0.63
N ILE B 4 -19.27 -3.24 -0.15
CA ILE B 4 -18.56 -2.29 -1.01
C ILE B 4 -17.45 -2.89 -1.85
N LEU B 5 -16.54 -3.63 -1.23
CA LEU B 5 -15.44 -4.23 -1.97
C LEU B 5 -15.93 -5.14 -3.10
N HIS B 6 -16.87 -6.03 -2.80
CA HIS B 6 -17.41 -6.93 -3.82
C HIS B 6 -17.99 -6.17 -5.01
N ARG B 7 -18.77 -5.14 -4.71
CA ARG B 7 -19.39 -4.32 -5.76
C ARG B 7 -18.37 -3.65 -6.66
N LEU B 8 -17.32 -3.09 -6.07
CA LEU B 8 -16.28 -2.42 -6.85
C LEU B 8 -15.44 -3.40 -7.68
N LEU B 9 -15.28 -4.62 -7.18
CA LEU B 9 -14.50 -5.62 -7.90
C LEU B 9 -15.29 -6.19 -9.07
N GLN B 10 -16.59 -6.33 -8.88
CA GLN B 10 -17.48 -6.88 -9.89
C GLN B 10 -17.68 -5.90 -11.05
N ASP B 11 -17.73 -4.62 -10.73
CA ASP B 11 -17.91 -3.60 -11.76
C ASP B 11 -16.59 -3.30 -12.48
#